data_3L6C
#
_entry.id   3L6C
#
_cell.length_a   110.593
_cell.length_b   110.593
_cell.length_c   47.917
_cell.angle_alpha   90.00
_cell.angle_beta   90.00
_cell.angle_gamma   120.00
#
_symmetry.space_group_name_H-M   'P 3'
#
loop_
_entity.id
_entity.type
_entity.pdbx_description
1 polymer 'Serine racemase'
2 non-polymer "PYRIDOXAL-5'-PHOSPHATE"
3 non-polymer 'MANGANESE (II) ION'
4 non-polymer 'MALONATE ION'
5 water water
#
_entity_poly.entity_id   1
_entity_poly.type   'polypeptide(L)'
_entity_poly.pdbx_seq_one_letter_code
;MDAQYDISFADVEKAHLNIQDSVHLTPVLTSSILNQIAGRNLFFKCELFQKTGSFKIRGALNAIRGLIPDTLEGKPKAVV
THSSGNHGQALTYAAKLEGIPAYIVVPQTAPNCKKLAIQAYGASIVYSEPSDESRENVAQRIIQETEGILVHPNQEPAVI
AGQGTIALEVLNQVPLVDALVVPVGGGGMVAGIAITIKTLKPSVKVYAAEPSNADDCYQSKLKGELTPNLHPPETIADGV
KSSIGLNTWPIIRDLVDDVFTVTEDEIKYATQLVWERMKLLIEPTAGVGLAAVLSQHFQTVSPEVKNICIVLSGGNVDLT
SLSWVKQAERPAPHHHHHH
;
_entity_poly.pdbx_strand_id   A,B
#
# COMPACT_ATOMS: atom_id res chain seq x y z
N ASP A 2 -32.79 -8.91 -27.03
CA ASP A 2 -33.12 -9.66 -25.78
C ASP A 2 -32.00 -10.66 -25.41
N ALA A 3 -31.15 -11.03 -26.38
CA ALA A 3 -29.89 -11.73 -26.11
C ALA A 3 -28.90 -10.86 -25.29
N GLN A 4 -29.01 -9.55 -25.48
CA GLN A 4 -28.20 -8.59 -24.77
C GLN A 4 -28.38 -8.60 -23.24
N TYR A 5 -27.24 -8.52 -22.57
CA TYR A 5 -27.12 -8.29 -21.15
C TYR A 5 -27.38 -6.84 -20.94
N ASP A 6 -27.43 -6.39 -19.68
CA ASP A 6 -27.78 -4.99 -19.40
C ASP A 6 -26.67 -4.01 -19.73
N ILE A 7 -25.53 -4.54 -20.16
CA ILE A 7 -24.47 -3.70 -20.61
C ILE A 7 -23.74 -4.45 -21.69
N SER A 8 -22.98 -3.75 -22.50
CA SER A 8 -22.08 -4.34 -23.48
C SER A 8 -20.71 -3.74 -23.26
N PHE A 9 -19.71 -4.17 -24.04
CA PHE A 9 -18.36 -3.61 -23.98
C PHE A 9 -18.31 -2.11 -24.42
N ALA A 10 -19.12 -1.71 -25.41
CA ALA A 10 -19.24 -0.27 -25.76
C ALA A 10 -19.56 0.63 -24.54
N ASP A 11 -20.41 0.17 -23.62
CA ASP A 11 -20.70 0.89 -22.37
C ASP A 11 -19.48 1.04 -21.46
N VAL A 12 -18.60 0.03 -21.45
CA VAL A 12 -17.36 0.02 -20.69
C VAL A 12 -16.34 0.97 -21.28
N GLU A 13 -16.08 0.90 -22.58
CA GLU A 13 -15.26 1.95 -23.23
C GLU A 13 -15.78 3.38 -23.02
N LYS A 14 -17.10 3.57 -22.99
CA LYS A 14 -17.69 4.89 -22.75
C LYS A 14 -17.52 5.30 -21.31
N ALA A 15 -17.72 4.36 -20.37
CA ALA A 15 -17.40 4.57 -18.96
C ALA A 15 -15.97 5.00 -18.78
N HIS A 16 -15.02 4.37 -19.48
CA HIS A 16 -13.59 4.72 -19.34
C HIS A 16 -13.28 6.19 -19.65
N LEU A 17 -13.84 6.69 -20.74
CA LEU A 17 -13.83 8.10 -21.15
C LEU A 17 -14.52 8.99 -20.15
N ASN A 18 -15.67 8.52 -19.67
CA ASN A 18 -16.41 9.28 -18.69
C ASN A 18 -15.66 9.57 -17.38
N ILE A 19 -14.76 8.67 -16.99
CA ILE A 19 -14.18 8.69 -15.64
C ILE A 19 -12.68 8.82 -15.60
N GLN A 20 -12.02 8.57 -16.71
CA GLN A 20 -10.56 8.42 -16.71
C GLN A 20 -9.85 9.68 -16.19
N ASP A 21 -10.50 10.82 -16.36
CA ASP A 21 -9.90 12.05 -15.92
C ASP A 21 -9.97 12.26 -14.40
N SER A 22 -10.79 11.47 -13.71
CA SER A 22 -10.99 11.56 -12.26
C SER A 22 -10.59 10.30 -11.42
N VAL A 23 -10.39 9.15 -12.05
CA VAL A 23 -10.01 7.94 -11.29
C VAL A 23 -8.56 7.54 -11.55
N HIS A 24 -7.91 6.90 -10.59
CA HIS A 24 -6.53 6.51 -10.82
C HIS A 24 -6.46 5.27 -11.67
N LEU A 25 -5.46 5.28 -12.56
CA LEU A 25 -5.07 4.10 -13.31
C LEU A 25 -4.13 3.36 -12.34
N THR A 26 -4.70 2.47 -11.51
CA THR A 26 -3.96 1.82 -10.42
C THR A 26 -2.96 0.78 -10.87
N PRO A 27 -1.83 0.66 -10.15
CA PRO A 27 -0.77 -0.30 -10.49
C PRO A 27 -1.15 -1.76 -10.34
N VAL A 28 -0.33 -2.60 -10.95
CA VAL A 28 -0.44 -4.05 -10.84
C VAL A 28 0.88 -4.51 -10.24
N LEU A 29 0.84 -4.86 -8.95
CA LEU A 29 2.06 -5.13 -8.21
C LEU A 29 2.18 -6.64 -8.06
N THR A 30 3.42 -7.11 -7.89
CA THR A 30 3.71 -8.54 -7.69
C THR A 30 4.51 -8.81 -6.42
N SER A 31 4.58 -10.06 -5.99
CA SER A 31 5.31 -10.51 -4.78
C SER A 31 5.88 -11.88 -5.04
N SER A 32 7.20 -12.01 -5.09
CA SER A 32 7.83 -13.29 -5.44
C SER A 32 7.55 -14.39 -4.43
N ILE A 33 7.33 -14.00 -3.17
CA ILE A 33 7.05 -14.96 -2.10
C ILE A 33 5.65 -15.48 -2.17
N LEU A 34 4.73 -14.60 -2.58
CA LEU A 34 3.34 -15.02 -2.82
C LEU A 34 3.22 -15.91 -4.04
N ASN A 35 4.00 -15.66 -5.10
CA ASN A 35 4.02 -16.53 -6.31
C ASN A 35 4.48 -17.93 -5.91
N GLN A 36 5.46 -18.00 -5.03
CA GLN A 36 6.03 -19.24 -4.50
C GLN A 36 4.97 -20.07 -3.75
N ILE A 37 4.33 -19.47 -2.76
CA ILE A 37 3.23 -20.10 -2.04
C ILE A 37 2.12 -20.54 -2.99
N ALA A 38 1.80 -19.72 -4.00
CA ALA A 38 0.65 -20.03 -4.86
C ALA A 38 1.01 -20.97 -6.00
N GLY A 39 2.28 -21.00 -6.41
CA GLY A 39 2.70 -21.83 -7.56
C GLY A 39 2.21 -21.31 -8.91
N ARG A 40 1.90 -20.00 -8.94
CA ARG A 40 1.43 -19.32 -10.17
C ARG A 40 2.05 -17.97 -10.11
N ASN A 41 2.03 -17.26 -11.23
CA ASN A 41 2.45 -15.86 -11.28
C ASN A 41 1.29 -14.90 -11.02
N LEU A 42 1.30 -14.25 -9.86
CA LEU A 42 0.17 -13.44 -9.44
C LEU A 42 0.42 -11.97 -9.70
N PHE A 43 -0.65 -11.26 -10.05
CA PHE A 43 -0.57 -9.85 -10.42
C PHE A 43 -1.69 -9.20 -9.64
N PHE A 44 -1.33 -8.27 -8.79
CA PHE A 44 -2.31 -7.71 -7.87
C PHE A 44 -2.71 -6.35 -8.38
N LYS A 45 -3.94 -6.27 -8.88
CA LYS A 45 -4.47 -5.01 -9.42
C LYS A 45 -4.91 -4.22 -8.21
N CYS A 46 -4.27 -3.07 -8.00
CA CYS A 46 -4.32 -2.40 -6.71
C CYS A 46 -5.39 -1.38 -6.61
N GLU A 47 -6.64 -1.80 -6.53
CA GLU A 47 -7.80 -0.87 -6.45
C GLU A 47 -8.02 -0.26 -5.07
N LEU A 48 -7.34 -0.77 -4.05
CA LEU A 48 -7.22 -0.08 -2.77
C LEU A 48 -6.53 1.27 -2.80
N PHE A 49 -5.68 1.50 -3.82
CA PHE A 49 -5.07 2.79 -4.09
C PHE A 49 -6.06 3.69 -4.83
N GLN A 50 -7.26 3.19 -5.12
CA GLN A 50 -8.20 3.99 -5.88
C GLN A 50 -8.76 5.09 -4.95
N LYS A 51 -9.29 6.17 -5.53
CA LYS A 51 -9.92 7.24 -4.78
C LYS A 51 -11.10 6.71 -3.98
N THR A 52 -11.15 7.15 -2.72
CA THR A 52 -12.07 6.70 -1.66
C THR A 52 -11.73 5.31 -1.10
N GLY A 53 -10.65 4.69 -1.55
CA GLY A 53 -10.13 3.43 -0.95
C GLY A 53 -10.72 2.12 -1.50
N SER A 54 -11.45 2.20 -2.61
CA SER A 54 -11.94 1.03 -3.34
C SER A 54 -12.28 1.38 -4.78
N PHE A 55 -12.49 0.33 -5.58
CA PHE A 55 -12.86 0.48 -7.01
C PHE A 55 -14.21 1.13 -7.27
N LYS A 56 -15.05 1.22 -6.25
CA LYS A 56 -16.46 1.62 -6.40
C LYS A 56 -16.67 3.01 -6.97
N ILE A 57 -15.59 3.80 -6.95
CA ILE A 57 -15.57 5.16 -7.47
C ILE A 57 -15.79 5.17 -8.99
N ARG A 58 -15.37 4.11 -9.69
CA ARG A 58 -15.56 3.96 -11.14
C ARG A 58 -17.02 3.92 -11.57
N GLY A 59 -17.75 2.89 -11.11
CA GLY A 59 -19.22 2.90 -11.19
C GLY A 59 -19.97 4.11 -10.61
N ALA A 60 -19.65 4.56 -9.40
CA ALA A 60 -20.39 5.68 -8.82
C ALA A 60 -20.14 6.95 -9.69
N LEU A 61 -18.92 7.20 -10.09
CA LEU A 61 -18.65 8.32 -10.99
C LEU A 61 -19.25 8.20 -12.39
N ASN A 62 -19.23 7.01 -12.99
CA ASN A 62 -19.88 6.81 -14.27
C ASN A 62 -21.40 7.05 -14.17
N ALA A 63 -22.05 6.50 -13.15
CA ALA A 63 -23.49 6.68 -12.98
C ALA A 63 -23.93 8.15 -12.77
N ILE A 64 -23.28 8.83 -11.82
CA ILE A 64 -23.38 10.28 -11.61
C ILE A 64 -23.29 11.08 -12.91
N ARG A 65 -22.17 10.90 -13.62
CA ARG A 65 -21.95 11.58 -14.88
C ARG A 65 -23.03 11.31 -15.92
N GLY A 66 -23.59 10.09 -15.90
CA GLY A 66 -24.70 9.73 -16.78
C GLY A 66 -26.01 10.41 -16.43
N LEU A 67 -26.12 10.93 -15.21
CA LEU A 67 -27.38 11.49 -14.68
C LEU A 67 -27.49 12.98 -14.92
N ILE A 68 -26.36 13.57 -15.30
CA ILE A 68 -26.24 14.98 -15.48
C ILE A 68 -26.37 15.35 -16.96
N PRO A 69 -27.37 16.19 -17.29
CA PRO A 69 -27.67 16.48 -18.69
C PRO A 69 -26.71 17.52 -19.27
N ASP A 70 -27.02 18.02 -20.48
CA ASP A 70 -26.15 18.96 -21.18
C ASP A 70 -26.25 20.37 -20.61
N THR A 71 -27.41 20.70 -20.03
CA THR A 71 -27.51 21.91 -19.20
C THR A 71 -27.83 21.51 -17.77
N LEU A 72 -27.84 22.50 -16.88
CA LEU A 72 -28.11 22.29 -15.47
C LEU A 72 -29.53 21.80 -15.22
N GLU A 73 -30.43 22.06 -16.17
CA GLU A 73 -31.82 21.67 -16.04
C GLU A 73 -32.03 20.14 -16.09
N GLY A 74 -32.70 19.61 -15.08
CA GLY A 74 -32.90 18.19 -14.96
C GLY A 74 -31.82 17.48 -14.20
N LYS A 75 -30.80 18.21 -13.73
CA LYS A 75 -29.76 17.61 -12.88
C LYS A 75 -30.40 17.16 -11.55
N PRO A 76 -29.99 15.97 -11.02
CA PRO A 76 -30.56 15.45 -9.76
C PRO A 76 -30.47 16.41 -8.55
N LYS A 77 -31.57 16.47 -7.80
CA LYS A 77 -31.65 17.21 -6.56
C LYS A 77 -30.78 16.52 -5.50
N ALA A 78 -30.76 15.20 -5.54
CA ALA A 78 -30.04 14.44 -4.54
C ALA A 78 -29.84 13.07 -5.12
N VAL A 79 -28.83 12.36 -4.64
CA VAL A 79 -28.66 10.94 -4.98
C VAL A 79 -28.74 10.11 -3.70
N VAL A 80 -29.34 8.94 -3.85
CA VAL A 80 -29.64 8.04 -2.72
C VAL A 80 -29.10 6.64 -3.05
N THR A 81 -28.55 5.98 -2.04
CA THR A 81 -28.14 4.59 -2.15
C THR A 81 -28.17 3.85 -0.80
N HIS A 82 -28.07 2.53 -0.85
CA HIS A 82 -27.82 1.73 0.35
C HIS A 82 -26.46 1.10 0.14
N SER A 83 -25.73 0.95 1.22
CA SER A 83 -24.34 0.54 1.14
C SER A 83 -23.79 0.01 2.47
N SER A 84 -22.94 -1.01 2.40
CA SER A 84 -22.19 -1.47 3.58
C SER A 84 -21.03 -0.50 3.93
N GLY A 85 -20.76 0.43 3.02
CA GLY A 85 -19.80 1.51 3.26
C GLY A 85 -19.05 2.02 2.04
N ASN A 86 -18.60 1.12 1.17
CA ASN A 86 -17.68 1.50 0.09
C ASN A 86 -18.31 2.18 -1.11
N HIS A 87 -19.48 1.71 -1.51
CA HIS A 87 -20.27 2.41 -2.50
C HIS A 87 -20.84 3.74 -1.96
N GLY A 88 -21.24 3.75 -0.69
CA GLY A 88 -21.63 4.96 -0.01
C GLY A 88 -20.57 6.04 -0.09
N GLN A 89 -19.34 5.68 0.25
CA GLN A 89 -18.21 6.58 0.13
C GLN A 89 -18.02 7.12 -1.28
N ALA A 90 -17.97 6.20 -2.24
CA ALA A 90 -17.70 6.52 -3.64
C ALA A 90 -18.81 7.39 -4.21
N LEU A 91 -20.06 7.09 -3.89
CA LEU A 91 -21.17 7.90 -4.37
C LEU A 91 -21.16 9.33 -3.76
N THR A 92 -20.83 9.44 -2.48
CA THR A 92 -20.74 10.72 -1.77
C THR A 92 -19.69 11.58 -2.41
N TYR A 93 -18.48 11.06 -2.52
CA TYR A 93 -17.42 11.73 -3.22
C TYR A 93 -17.78 12.12 -4.66
N ALA A 94 -18.35 11.20 -5.43
CA ALA A 94 -18.77 11.47 -6.81
C ALA A 94 -19.84 12.57 -6.86
N ALA A 95 -20.78 12.52 -5.92
CA ALA A 95 -21.86 13.46 -5.91
C ALA A 95 -21.34 14.87 -5.52
N LYS A 96 -20.29 14.90 -4.69
CA LYS A 96 -19.67 16.10 -4.22
C LYS A 96 -18.93 16.88 -5.33
N LEU A 97 -18.14 16.17 -6.15
CA LEU A 97 -17.49 16.68 -7.37
C LEU A 97 -18.48 17.30 -8.36
N GLU A 98 -19.71 16.82 -8.33
CA GLU A 98 -20.71 17.25 -9.27
C GLU A 98 -21.77 18.12 -8.61
N GLY A 99 -21.50 18.60 -7.40
CA GLY A 99 -22.40 19.46 -6.63
C GLY A 99 -23.77 18.90 -6.31
N ILE A 100 -23.88 17.57 -6.14
CA ILE A 100 -25.14 16.94 -5.78
C ILE A 100 -25.12 16.43 -4.33
N PRO A 101 -26.17 16.75 -3.56
CA PRO A 101 -26.42 16.17 -2.23
C PRO A 101 -26.60 14.62 -2.22
N ALA A 102 -25.89 13.95 -1.29
CA ALA A 102 -25.97 12.50 -1.08
C ALA A 102 -26.58 12.05 0.29
N TYR A 103 -27.48 11.08 0.18
CA TYR A 103 -28.12 10.38 1.29
C TYR A 103 -27.78 8.89 1.13
N ILE A 104 -27.03 8.37 2.11
CA ILE A 104 -26.60 7.01 2.11
C ILE A 104 -27.33 6.22 3.23
N VAL A 105 -27.98 5.11 2.86
CA VAL A 105 -28.55 4.16 3.82
C VAL A 105 -27.49 3.10 4.09
N VAL A 106 -27.08 2.99 5.34
CA VAL A 106 -25.99 2.10 5.78
C VAL A 106 -26.55 1.21 6.87
N PRO A 107 -26.30 -0.11 6.80
CA PRO A 107 -26.65 -1.02 7.93
C PRO A 107 -25.91 -0.63 9.21
N GLN A 108 -26.58 -0.67 10.37
CA GLN A 108 -25.91 -0.31 11.66
C GLN A 108 -24.62 -1.12 11.86
N THR A 109 -24.62 -2.38 11.41
CA THR A 109 -23.51 -3.31 11.69
C THR A 109 -22.37 -3.19 10.68
N ALA A 110 -22.46 -2.17 9.81
CA ALA A 110 -21.44 -1.88 8.82
C ALA A 110 -20.25 -1.31 9.58
N PRO A 111 -19.03 -1.56 9.09
CA PRO A 111 -17.80 -1.08 9.74
C PRO A 111 -17.84 0.42 10.08
N ASN A 112 -17.36 0.78 11.27
CA ASN A 112 -17.31 2.18 11.71
C ASN A 112 -16.45 3.12 10.86
N CYS A 113 -15.36 2.63 10.31
CA CYS A 113 -14.44 3.47 9.53
C CYS A 113 -15.09 3.94 8.24
N LYS A 114 -16.02 3.12 7.74
CA LYS A 114 -16.71 3.39 6.49
C LYS A 114 -17.81 4.39 6.77
N LYS A 115 -18.57 4.17 7.84
CA LYS A 115 -19.53 5.17 8.34
C LYS A 115 -18.86 6.54 8.56
N LEU A 116 -17.71 6.55 9.23
CA LEU A 116 -16.96 7.81 9.46
C LEU A 116 -16.53 8.46 8.16
N ALA A 117 -16.12 7.63 7.19
CA ALA A 117 -15.64 8.13 5.88
C ALA A 117 -16.75 8.80 5.09
N ILE A 118 -17.94 8.17 5.11
CA ILE A 118 -19.16 8.66 4.48
C ILE A 118 -19.54 10.03 5.04
N GLN A 119 -19.38 10.19 6.36
CA GLN A 119 -19.68 11.43 7.04
C GLN A 119 -18.63 12.50 6.77
N ALA A 120 -17.37 12.07 6.72
CA ALA A 120 -16.28 12.95 6.38
C ALA A 120 -16.47 13.56 4.99
N TYR A 121 -17.02 12.79 4.04
CA TYR A 121 -17.26 13.28 2.66
C TYR A 121 -18.50 14.14 2.57
N GLY A 122 -19.27 14.19 3.67
CA GLY A 122 -20.44 15.08 3.81
C GLY A 122 -21.81 14.49 3.48
N ALA A 123 -21.98 13.19 3.58
CA ALA A 123 -23.32 12.63 3.34
C ALA A 123 -24.18 12.67 4.59
N SER A 124 -25.48 12.56 4.40
CA SER A 124 -26.35 12.22 5.52
C SER A 124 -26.49 10.70 5.48
N ILE A 125 -26.17 10.06 6.60
CA ILE A 125 -26.34 8.63 6.77
C ILE A 125 -27.66 8.33 7.49
N VAL A 126 -28.34 7.27 7.02
CA VAL A 126 -29.61 6.82 7.55
C VAL A 126 -29.41 5.32 7.74
N TYR A 127 -29.80 4.81 8.92
CA TYR A 127 -29.45 3.43 9.31
C TYR A 127 -30.53 2.41 9.05
N SER A 128 -30.09 1.22 8.64
CA SER A 128 -31.01 0.12 8.34
C SER A 128 -30.55 -1.20 9.00
N GLU A 129 -31.37 -2.24 8.87
CA GLU A 129 -30.98 -3.59 9.29
C GLU A 129 -30.00 -4.17 8.27
N PRO A 130 -29.11 -5.09 8.69
CA PRO A 130 -28.18 -5.70 7.74
C PRO A 130 -28.85 -6.81 6.92
N SER A 131 -29.83 -6.44 6.11
CA SER A 131 -30.39 -7.36 5.11
C SER A 131 -30.61 -6.63 3.80
N ASP A 132 -30.39 -7.34 2.68
CA ASP A 132 -30.80 -6.86 1.34
C ASP A 132 -32.14 -6.12 1.36
N GLU A 133 -33.16 -6.73 1.97
CA GLU A 133 -34.52 -6.19 1.92
C GLU A 133 -34.66 -4.88 2.66
N SER A 134 -34.03 -4.76 3.82
CA SER A 134 -34.15 -3.52 4.63
C SER A 134 -33.37 -2.34 4.04
N ARG A 135 -32.20 -2.63 3.49
CA ARG A 135 -31.42 -1.64 2.77
C ARG A 135 -32.28 -0.99 1.66
N GLU A 136 -33.02 -1.81 0.91
CA GLU A 136 -33.88 -1.35 -0.20
C GLU A 136 -35.12 -0.57 0.21
N ASN A 137 -35.78 -0.97 1.29
CA ASN A 137 -37.02 -0.31 1.73
C ASN A 137 -36.75 1.01 2.39
N VAL A 138 -35.67 1.05 3.19
CA VAL A 138 -35.20 2.29 3.79
C VAL A 138 -34.73 3.28 2.72
N ALA A 139 -34.02 2.79 1.69
CA ALA A 139 -33.59 3.69 0.60
C ALA A 139 -34.78 4.26 -0.20
N GLN A 140 -35.84 3.47 -0.34
CA GLN A 140 -37.06 3.93 -1.02
C GLN A 140 -37.83 4.98 -0.22
N ARG A 141 -37.75 4.91 1.09
CA ARG A 141 -38.30 5.95 1.95
C ARG A 141 -37.54 7.27 1.76
N ILE A 142 -36.22 7.20 1.79
CA ILE A 142 -35.38 8.39 1.61
C ILE A 142 -35.50 9.02 0.19
N ILE A 143 -35.81 8.18 -0.82
CA ILE A 143 -36.06 8.66 -2.20
C ILE A 143 -37.34 9.51 -2.26
N GLN A 144 -38.41 8.99 -1.67
CA GLN A 144 -39.71 9.68 -1.66
C GLN A 144 -39.65 11.01 -0.89
N GLU A 145 -38.75 11.10 0.09
CA GLU A 145 -38.61 12.30 0.91
C GLU A 145 -37.72 13.37 0.31
N THR A 146 -36.72 12.95 -0.46
CA THR A 146 -35.74 13.88 -1.03
C THR A 146 -35.98 14.18 -2.52
N GLU A 147 -36.84 13.38 -3.16
CA GLU A 147 -37.05 13.43 -4.60
C GLU A 147 -35.74 13.12 -5.32
N GLY A 148 -34.93 12.26 -4.71
CA GLY A 148 -33.60 11.93 -5.22
C GLY A 148 -33.60 10.78 -6.21
N ILE A 149 -32.43 10.44 -6.72
CA ILE A 149 -32.30 9.35 -7.68
C ILE A 149 -31.46 8.21 -7.12
N LEU A 150 -31.98 6.99 -7.21
CA LEU A 150 -31.26 5.81 -6.71
C LEU A 150 -30.08 5.53 -7.63
N VAL A 151 -28.86 5.47 -7.09
CA VAL A 151 -27.71 4.87 -7.79
C VAL A 151 -27.40 3.59 -6.99
N HIS A 152 -27.97 2.46 -7.45
CA HIS A 152 -27.77 1.12 -6.87
C HIS A 152 -26.29 0.68 -6.87
N PRO A 153 -25.79 0.12 -5.73
CA PRO A 153 -24.41 -0.37 -5.58
C PRO A 153 -23.87 -1.32 -6.70
N ASN A 154 -24.76 -2.11 -7.29
CA ASN A 154 -24.28 -3.10 -8.26
C ASN A 154 -25.24 -3.57 -9.38
N GLN A 155 -26.50 -3.16 -9.32
CA GLN A 155 -27.43 -3.57 -10.38
C GLN A 155 -27.67 -2.51 -11.47
N GLU A 156 -27.27 -1.29 -11.19
CA GLU A 156 -27.42 -0.15 -12.12
C GLU A 156 -26.47 -0.43 -13.28
N PRO A 157 -26.97 -0.48 -14.54
CA PRO A 157 -26.04 -0.63 -15.68
C PRO A 157 -24.80 0.30 -15.70
N ALA A 158 -24.95 1.59 -15.43
CA ALA A 158 -23.79 2.52 -15.45
C ALA A 158 -22.76 2.20 -14.36
N VAL A 159 -23.19 1.63 -13.24
CA VAL A 159 -22.26 1.19 -12.21
C VAL A 159 -21.50 -0.07 -12.72
N ILE A 160 -22.23 -1.05 -13.25
CA ILE A 160 -21.64 -2.27 -13.81
C ILE A 160 -20.59 -1.89 -14.89
N ALA A 161 -21.02 -1.07 -15.85
CA ALA A 161 -20.14 -0.51 -16.89
C ALA A 161 -18.93 0.14 -16.31
N GLY A 162 -19.07 0.97 -15.27
CA GLY A 162 -17.85 1.54 -14.66
C GLY A 162 -16.88 0.55 -13.97
N GLN A 163 -17.41 -0.45 -13.28
CA GLN A 163 -16.53 -1.43 -12.62
C GLN A 163 -15.77 -2.23 -13.68
N GLY A 164 -16.37 -2.49 -14.82
CA GLY A 164 -15.69 -3.16 -15.94
C GLY A 164 -14.43 -2.52 -16.48
N THR A 165 -14.21 -1.22 -16.23
CA THR A 165 -12.99 -0.52 -16.69
C THR A 165 -11.74 -0.99 -16.00
N ILE A 166 -11.90 -1.66 -14.83
CA ILE A 166 -10.82 -2.47 -14.22
C ILE A 166 -10.20 -3.47 -15.18
N ALA A 167 -11.07 -4.23 -15.90
CA ALA A 167 -10.66 -5.23 -16.88
C ALA A 167 -9.94 -4.61 -18.08
N LEU A 168 -10.39 -3.43 -18.54
CA LEU A 168 -9.72 -2.69 -19.63
C LEU A 168 -8.31 -2.36 -19.34
N GLU A 169 -8.06 -1.89 -18.11
CA GLU A 169 -6.70 -1.56 -17.65
C GLU A 169 -5.84 -2.82 -17.46
N VAL A 170 -6.34 -3.84 -16.76
CA VAL A 170 -5.56 -5.10 -16.58
C VAL A 170 -5.09 -5.71 -17.89
N LEU A 171 -5.98 -5.74 -18.87
CA LEU A 171 -5.63 -6.24 -20.18
C LEU A 171 -4.42 -5.53 -20.79
N ASN A 172 -4.33 -4.22 -20.55
CA ASN A 172 -3.15 -3.43 -20.93
C ASN A 172 -1.90 -3.67 -20.08
N GLN A 173 -2.14 -3.75 -18.77
CA GLN A 173 -1.06 -3.90 -17.81
C GLN A 173 -0.46 -5.31 -17.83
N VAL A 174 -1.28 -6.34 -18.04
CA VAL A 174 -0.77 -7.73 -18.07
C VAL A 174 -1.03 -8.37 -19.45
N PRO A 175 -0.08 -8.20 -20.39
CA PRO A 175 -0.24 -8.66 -21.77
C PRO A 175 -0.57 -10.18 -21.89
N LEU A 176 0.03 -11.01 -21.07
CA LEU A 176 -0.22 -12.43 -21.21
C LEU A 176 -0.94 -12.98 -20.01
N VAL A 177 -1.79 -12.16 -19.40
CA VAL A 177 -2.85 -12.56 -18.47
C VAL A 177 -3.60 -13.80 -18.94
N ASP A 178 -3.78 -14.74 -18.01
CA ASP A 178 -4.47 -15.99 -18.24
C ASP A 178 -5.79 -16.04 -17.51
N ALA A 179 -5.89 -15.36 -16.35
CA ALA A 179 -7.13 -15.36 -15.55
C ALA A 179 -7.24 -14.10 -14.72
N LEU A 180 -8.49 -13.66 -14.51
CA LEU A 180 -8.86 -12.69 -13.50
C LEU A 180 -9.60 -13.32 -12.35
N VAL A 181 -9.24 -12.96 -11.11
CA VAL A 181 -9.96 -13.38 -9.89
C VAL A 181 -10.57 -12.19 -9.15
N VAL A 182 -11.89 -12.25 -8.93
CA VAL A 182 -12.70 -11.09 -8.56
C VAL A 182 -13.66 -11.45 -7.45
N PRO A 183 -13.57 -10.75 -6.26
CA PRO A 183 -14.53 -11.01 -5.20
C PRO A 183 -15.91 -10.65 -5.68
N VAL A 184 -16.90 -11.37 -5.19
CA VAL A 184 -18.23 -11.19 -5.69
C VAL A 184 -19.15 -11.02 -4.50
N GLY A 185 -19.97 -9.97 -4.55
CA GLY A 185 -20.99 -9.74 -3.54
C GLY A 185 -22.25 -9.59 -4.34
N GLY A 186 -22.57 -8.39 -4.83
CA GLY A 186 -23.74 -8.21 -5.73
C GLY A 186 -23.46 -8.44 -7.20
N GLY A 187 -22.16 -8.53 -7.57
CA GLY A 187 -21.73 -8.89 -8.92
C GLY A 187 -21.54 -7.79 -9.97
N GLY A 188 -21.64 -6.53 -9.56
CA GLY A 188 -21.44 -5.42 -10.46
C GLY A 188 -20.03 -5.47 -11.00
N MET A 189 -19.06 -5.68 -10.11
CA MET A 189 -17.69 -5.72 -10.54
C MET A 189 -17.32 -6.93 -11.44
N VAL A 190 -17.67 -8.16 -11.03
CA VAL A 190 -17.30 -9.33 -11.85
C VAL A 190 -18.14 -9.42 -13.15
N ALA A 191 -19.37 -8.90 -13.15
CA ALA A 191 -20.16 -8.78 -14.39
C ALA A 191 -19.55 -7.83 -15.44
N GLY A 192 -19.04 -6.68 -15.02
CA GLY A 192 -18.38 -5.68 -15.90
C GLY A 192 -17.01 -6.08 -16.39
N ILE A 193 -16.30 -6.82 -15.56
CA ILE A 193 -15.09 -7.48 -15.94
C ILE A 193 -15.36 -8.63 -16.96
N ALA A 194 -16.24 -9.57 -16.64
CA ALA A 194 -16.58 -10.69 -17.55
C ALA A 194 -16.96 -10.21 -18.94
N ILE A 195 -17.82 -9.20 -18.99
CA ILE A 195 -18.27 -8.61 -20.23
C ILE A 195 -17.10 -8.11 -21.03
N THR A 196 -16.20 -7.37 -20.36
CA THR A 196 -15.01 -6.82 -20.97
C THR A 196 -13.97 -7.89 -21.35
N ILE A 197 -13.77 -8.88 -20.48
CA ILE A 197 -12.80 -9.93 -20.80
C ILE A 197 -13.27 -10.93 -21.88
N LYS A 198 -14.56 -11.24 -21.90
CA LYS A 198 -15.07 -12.19 -22.88
C LYS A 198 -15.24 -11.56 -24.25
N THR A 199 -15.51 -10.26 -24.32
CA THR A 199 -15.64 -9.56 -25.59
C THR A 199 -14.29 -9.43 -26.27
N LEU A 200 -13.24 -9.06 -25.54
CA LEU A 200 -11.92 -8.79 -26.16
C LEU A 200 -10.95 -9.95 -26.24
N LYS A 201 -10.91 -10.79 -25.23
CA LYS A 201 -9.91 -11.85 -25.19
C LYS A 201 -10.56 -13.00 -24.42
N PRO A 202 -11.47 -13.73 -25.07
CA PRO A 202 -12.20 -14.72 -24.25
C PRO A 202 -11.38 -15.95 -23.83
N SER A 203 -10.09 -16.01 -24.18
CA SER A 203 -9.19 -17.11 -23.75
C SER A 203 -8.71 -16.90 -22.31
N VAL A 204 -8.92 -15.68 -21.83
CA VAL A 204 -8.62 -15.32 -20.43
C VAL A 204 -9.81 -15.82 -19.57
N LYS A 205 -9.50 -16.50 -18.48
CA LYS A 205 -10.51 -16.93 -17.54
C LYS A 205 -11.02 -15.79 -16.65
N VAL A 206 -12.31 -15.82 -16.36
CA VAL A 206 -12.90 -15.04 -15.30
C VAL A 206 -13.48 -15.96 -14.21
N TYR A 207 -12.89 -15.84 -13.03
CA TYR A 207 -13.28 -16.53 -11.81
C TYR A 207 -13.84 -15.62 -10.70
N ALA A 208 -15.05 -15.91 -10.22
CA ALA A 208 -15.59 -15.31 -9.00
C ALA A 208 -14.98 -15.95 -7.76
N ALA A 209 -14.70 -15.13 -6.75
CA ALA A 209 -14.28 -15.60 -5.48
C ALA A 209 -15.24 -15.03 -4.46
N GLU A 210 -15.65 -15.87 -3.50
CA GLU A 210 -16.77 -15.59 -2.64
C GLU A 210 -16.62 -16.31 -1.29
N PRO A 211 -17.02 -15.66 -0.17
CA PRO A 211 -17.05 -16.48 1.06
C PRO A 211 -18.05 -17.64 0.98
N SER A 212 -17.69 -18.81 1.51
CA SER A 212 -18.66 -19.90 1.67
C SER A 212 -19.84 -19.58 2.58
N ASN A 213 -19.63 -18.67 3.55
CA ASN A 213 -20.72 -18.10 4.37
C ASN A 213 -21.69 -17.22 3.58
N ALA A 214 -21.38 -16.94 2.31
CA ALA A 214 -22.21 -16.04 1.48
C ALA A 214 -22.14 -16.46 0.01
N ASP A 215 -22.36 -17.76 -0.17
CA ASP A 215 -22.11 -18.48 -1.42
C ASP A 215 -23.33 -18.55 -2.36
N ASP A 216 -24.06 -17.44 -2.46
CA ASP A 216 -25.21 -17.37 -3.34
C ASP A 216 -24.86 -17.32 -4.82
N CYS A 217 -23.64 -16.89 -5.14
CA CYS A 217 -23.13 -16.88 -6.53
C CYS A 217 -22.82 -18.30 -6.95
N TYR A 218 -22.08 -19.01 -6.09
CA TYR A 218 -21.85 -20.44 -6.27
C TYR A 218 -23.16 -21.22 -6.41
N GLN A 219 -24.09 -21.07 -5.45
CA GLN A 219 -25.31 -21.86 -5.46
C GLN A 219 -26.22 -21.49 -6.62
N SER A 220 -26.27 -20.21 -6.98
CA SER A 220 -27.01 -19.78 -8.15
C SER A 220 -26.46 -20.38 -9.43
N LYS A 221 -25.13 -20.47 -9.56
CA LYS A 221 -24.52 -21.08 -10.77
C LYS A 221 -24.81 -22.60 -10.89
N LEU A 222 -24.70 -23.34 -9.77
CA LEU A 222 -25.07 -24.77 -9.73
C LEU A 222 -26.48 -25.05 -10.18
N LYS A 223 -27.44 -24.25 -9.69
CA LYS A 223 -28.87 -24.46 -10.02
C LYS A 223 -29.28 -23.93 -11.38
N GLY A 224 -28.48 -23.01 -11.95
CA GLY A 224 -28.78 -22.41 -13.23
C GLY A 224 -29.84 -21.32 -13.16
N GLU A 225 -30.15 -20.86 -11.93
CA GLU A 225 -31.11 -19.76 -11.67
C GLU A 225 -30.72 -18.95 -10.44
N LEU A 226 -31.15 -17.70 -10.38
CA LEU A 226 -30.80 -16.84 -9.24
C LEU A 226 -31.31 -17.42 -7.91
N THR A 227 -30.40 -17.59 -6.96
CA THR A 227 -30.72 -18.29 -5.70
C THR A 227 -30.04 -17.53 -4.56
N PRO A 228 -30.68 -16.43 -4.08
CA PRO A 228 -29.96 -15.67 -3.06
C PRO A 228 -29.82 -16.41 -1.73
N ASN A 229 -28.93 -15.87 -0.90
CA ASN A 229 -28.78 -16.25 0.51
C ASN A 229 -30.15 -16.21 1.19
N LEU A 230 -30.50 -17.28 1.91
CA LEU A 230 -31.73 -17.32 2.70
C LEU A 230 -31.66 -16.29 3.83
N HIS A 231 -30.62 -16.41 4.65
CA HIS A 231 -30.36 -15.44 5.71
C HIS A 231 -29.26 -14.48 5.31
N PRO A 232 -29.38 -13.19 5.71
CA PRO A 232 -28.23 -12.30 5.60
C PRO A 232 -26.95 -13.07 5.93
N PRO A 233 -25.95 -13.00 5.06
CA PRO A 233 -24.70 -13.73 5.29
C PRO A 233 -23.86 -13.07 6.37
N GLU A 234 -23.24 -13.88 7.21
CA GLU A 234 -22.31 -13.35 8.20
C GLU A 234 -20.90 -13.81 7.86
N THR A 235 -20.00 -12.84 7.70
CA THR A 235 -18.63 -13.05 7.27
C THR A 235 -17.79 -11.83 7.58
N ILE A 236 -16.49 -12.03 7.77
CA ILE A 236 -15.52 -10.96 7.97
C ILE A 236 -15.33 -10.10 6.67
N ALA A 237 -15.76 -10.64 5.54
CA ALA A 237 -15.71 -9.96 4.24
C ALA A 237 -16.96 -9.10 4.07
N ASP A 238 -16.95 -7.97 4.76
CA ASP A 238 -18.15 -7.17 5.02
C ASP A 238 -18.66 -6.47 3.76
N GLY A 239 -17.77 -6.32 2.76
CA GLY A 239 -18.10 -5.73 1.44
C GLY A 239 -18.86 -6.63 0.47
N VAL A 240 -18.97 -7.93 0.79
CA VAL A 240 -19.60 -8.89 -0.13
C VAL A 240 -20.73 -9.72 0.50
N LYS A 241 -21.43 -9.12 1.45
CA LYS A 241 -22.64 -9.66 2.02
C LYS A 241 -23.87 -9.47 1.13
N SER A 242 -23.81 -8.57 0.14
CA SER A 242 -24.94 -8.42 -0.79
C SER A 242 -25.19 -9.71 -1.62
N SER A 243 -26.41 -9.95 -2.06
CA SER A 243 -26.67 -11.04 -2.99
C SER A 243 -26.65 -10.52 -4.42
N ILE A 244 -26.52 -11.45 -5.37
CA ILE A 244 -26.50 -11.08 -6.76
C ILE A 244 -27.94 -10.68 -7.07
N GLY A 245 -28.14 -9.98 -8.19
CA GLY A 245 -29.45 -9.49 -8.56
C GLY A 245 -29.75 -9.80 -10.01
N LEU A 246 -30.82 -9.19 -10.49
CA LEU A 246 -31.44 -9.51 -11.76
C LEU A 246 -30.60 -9.05 -12.95
N ASN A 247 -29.87 -7.94 -12.79
CA ASN A 247 -29.07 -7.42 -13.89
C ASN A 247 -27.70 -8.12 -14.00
N THR A 248 -27.10 -8.44 -12.85
CA THR A 248 -25.81 -9.08 -12.91
C THR A 248 -25.85 -10.59 -13.06
N TRP A 249 -26.92 -11.22 -12.58
CA TRP A 249 -27.07 -12.69 -12.67
C TRP A 249 -26.84 -13.30 -14.07
N PRO A 250 -27.56 -12.78 -15.12
CA PRO A 250 -27.40 -13.33 -16.48
C PRO A 250 -25.98 -13.28 -17.02
N ILE A 251 -25.21 -12.25 -16.66
CA ILE A 251 -23.85 -12.11 -17.10
C ILE A 251 -22.96 -13.11 -16.35
N ILE A 252 -23.14 -13.18 -15.03
CA ILE A 252 -22.36 -14.12 -14.24
C ILE A 252 -22.67 -15.53 -14.76
N ARG A 253 -23.96 -15.80 -14.97
CA ARG A 253 -24.41 -17.07 -15.54
C ARG A 253 -23.69 -17.50 -16.79
N ASP A 254 -23.58 -16.62 -17.76
CA ASP A 254 -23.07 -16.99 -19.06
C ASP A 254 -21.57 -16.83 -19.24
N LEU A 255 -20.95 -15.85 -18.57
CA LEU A 255 -19.57 -15.41 -18.88
C LEU A 255 -18.57 -15.70 -17.80
N VAL A 256 -19.03 -15.99 -16.57
CA VAL A 256 -18.09 -16.31 -15.49
C VAL A 256 -17.82 -17.80 -15.56
N ASP A 257 -16.55 -18.16 -15.65
CA ASP A 257 -16.11 -19.56 -15.81
C ASP A 257 -16.37 -20.47 -14.60
N ASP A 258 -15.91 -20.05 -13.42
CA ASP A 258 -16.09 -20.82 -12.20
C ASP A 258 -16.27 -19.86 -11.01
N VAL A 259 -16.78 -20.38 -9.88
CA VAL A 259 -16.87 -19.66 -8.58
C VAL A 259 -16.15 -20.46 -7.45
N PHE A 260 -15.11 -19.87 -6.87
CA PHE A 260 -14.36 -20.44 -5.73
C PHE A 260 -14.82 -19.86 -4.40
N THR A 261 -15.32 -20.72 -3.53
CA THR A 261 -15.73 -20.31 -2.20
C THR A 261 -14.61 -20.56 -1.20
N VAL A 262 -14.52 -19.71 -0.18
CA VAL A 262 -13.40 -19.72 0.75
C VAL A 262 -13.94 -19.55 2.15
N THR A 263 -13.28 -20.16 3.14
CA THR A 263 -13.75 -20.11 4.53
C THR A 263 -13.25 -18.80 5.16
N GLU A 264 -13.80 -18.46 6.33
CA GLU A 264 -13.40 -17.28 7.11
C GLU A 264 -11.94 -17.30 7.42
N ASP A 265 -11.44 -18.47 7.87
CA ASP A 265 -10.04 -18.64 8.19
C ASP A 265 -9.13 -18.41 6.98
N GLU A 266 -9.59 -18.89 5.82
CA GLU A 266 -8.86 -18.73 4.56
C GLU A 266 -8.77 -17.25 4.15
N ILE A 267 -9.85 -16.51 4.39
CA ILE A 267 -9.90 -15.05 4.13
C ILE A 267 -8.97 -14.30 5.10
N LYS A 268 -9.01 -14.69 6.38
CA LYS A 268 -8.17 -14.09 7.42
C LYS A 268 -6.70 -14.27 7.08
N TYR A 269 -6.34 -15.52 6.78
CA TYR A 269 -4.98 -15.89 6.42
C TYR A 269 -4.43 -15.17 5.17
N ALA A 270 -5.23 -15.08 4.12
CA ALA A 270 -4.81 -14.41 2.88
C ALA A 270 -4.66 -12.90 3.10
N THR A 271 -5.54 -12.34 3.92
CA THR A 271 -5.48 -10.90 4.26
C THR A 271 -4.23 -10.53 5.01
N GLN A 272 -3.87 -11.33 6.03
CA GLN A 272 -2.64 -11.18 6.83
C GLN A 272 -1.38 -11.35 5.99
N LEU A 273 -1.41 -12.33 5.09
CA LEU A 273 -0.36 -12.56 4.09
C LEU A 273 -0.08 -11.36 3.17
N VAL A 274 -1.11 -10.64 2.73
CA VAL A 274 -0.90 -9.39 1.99
C VAL A 274 -0.35 -8.30 2.93
N TRP A 275 -0.98 -8.05 4.09
CA TRP A 275 -0.44 -7.05 5.05
C TRP A 275 1.02 -7.28 5.35
N GLU A 276 1.38 -8.49 5.77
CA GLU A 276 2.76 -8.79 6.18
C GLU A 276 3.74 -8.93 5.05
N ARG A 277 3.34 -9.60 3.97
CA ARG A 277 4.29 -9.89 2.88
C ARG A 277 4.35 -8.82 1.80
N MET A 278 3.25 -8.12 1.55
CA MET A 278 3.25 -7.07 0.54
C MET A 278 3.21 -5.65 1.10
N LYS A 279 2.90 -5.52 2.39
CA LYS A 279 2.84 -4.21 3.07
C LYS A 279 1.72 -3.36 2.45
N LEU A 280 0.62 -4.05 2.13
CA LEU A 280 -0.52 -3.42 1.49
C LEU A 280 -1.69 -3.57 2.43
N LEU A 281 -2.30 -2.44 2.73
CA LEU A 281 -3.36 -2.36 3.70
C LEU A 281 -4.73 -2.66 3.07
N ILE A 282 -4.95 -3.91 2.70
CA ILE A 282 -6.24 -4.36 2.16
C ILE A 282 -7.21 -4.64 3.28
N GLU A 283 -8.50 -4.50 2.99
CA GLU A 283 -9.54 -4.87 3.92
C GLU A 283 -9.84 -6.34 3.65
N PRO A 284 -10.36 -7.07 4.64
CA PRO A 284 -10.59 -8.52 4.46
C PRO A 284 -11.36 -8.95 3.20
N THR A 285 -12.36 -8.17 2.75
CA THR A 285 -13.04 -8.49 1.50
C THR A 285 -12.07 -8.59 0.30
N ALA A 286 -10.96 -7.84 0.33
CA ALA A 286 -10.01 -7.87 -0.77
C ALA A 286 -9.05 -9.05 -0.66
N GLY A 287 -9.02 -9.72 0.49
CA GLY A 287 -8.26 -11.00 0.59
C GLY A 287 -8.99 -12.23 0.06
N VAL A 288 -10.29 -12.09 -0.24
CA VAL A 288 -11.13 -13.16 -0.84
C VAL A 288 -10.57 -13.79 -2.15
N GLY A 289 -10.12 -12.95 -3.07
CA GLY A 289 -9.49 -13.36 -4.32
C GLY A 289 -8.20 -14.10 -4.11
N LEU A 290 -7.36 -13.62 -3.20
CA LEU A 290 -6.17 -14.39 -2.89
C LEU A 290 -6.49 -15.69 -2.13
N ALA A 291 -7.43 -15.65 -1.18
CA ALA A 291 -7.86 -16.85 -0.49
C ALA A 291 -8.25 -17.92 -1.50
N ALA A 292 -8.92 -17.52 -2.57
CA ALA A 292 -9.44 -18.43 -3.58
C ALA A 292 -8.33 -19.11 -4.38
N VAL A 293 -7.35 -18.32 -4.79
CA VAL A 293 -6.18 -18.85 -5.49
C VAL A 293 -5.34 -19.79 -4.64
N LEU A 294 -5.44 -19.67 -3.31
CA LEU A 294 -4.61 -20.50 -2.41
C LEU A 294 -5.40 -21.70 -1.91
N SER A 295 -6.66 -21.79 -2.34
CA SER A 295 -7.53 -22.83 -1.88
C SER A 295 -7.18 -24.19 -2.50
N GLN A 296 -7.65 -25.24 -1.83
CA GLN A 296 -7.51 -26.59 -2.33
C GLN A 296 -8.15 -26.72 -3.70
N HIS A 297 -9.33 -26.15 -3.85
CA HIS A 297 -10.15 -26.32 -5.04
C HIS A 297 -9.55 -25.64 -6.29
N PHE A 298 -8.91 -24.49 -6.12
CA PHE A 298 -8.24 -23.82 -7.23
C PHE A 298 -7.09 -24.67 -7.76
N GLN A 299 -6.57 -25.61 -6.94
CA GLN A 299 -5.57 -26.62 -7.40
C GLN A 299 -5.94 -27.41 -8.68
N THR A 300 -7.22 -27.47 -9.02
CA THR A 300 -7.59 -28.05 -10.30
C THR A 300 -7.67 -27.06 -11.45
N VAL A 301 -7.32 -25.81 -11.21
CA VAL A 301 -7.17 -24.93 -12.34
C VAL A 301 -5.91 -25.37 -13.08
N SER A 302 -6.07 -25.64 -14.36
CA SER A 302 -4.97 -26.12 -15.21
C SER A 302 -3.69 -25.36 -14.94
N PRO A 303 -2.53 -26.05 -15.02
CA PRO A 303 -1.25 -25.36 -14.82
C PRO A 303 -0.95 -24.37 -15.98
N GLU A 304 -1.69 -24.48 -17.08
CA GLU A 304 -1.65 -23.51 -18.17
C GLU A 304 -2.18 -22.14 -17.76
N VAL A 305 -3.10 -22.11 -16.80
CA VAL A 305 -3.58 -20.83 -16.26
C VAL A 305 -2.56 -20.29 -15.24
N LYS A 306 -1.45 -19.76 -15.76
CA LYS A 306 -0.30 -19.36 -14.95
C LYS A 306 -0.31 -17.92 -14.42
N ASN A 307 -0.68 -16.97 -15.26
CA ASN A 307 -0.58 -15.55 -14.94
C ASN A 307 -1.94 -15.13 -14.45
N ILE A 308 -2.10 -14.99 -13.15
CA ILE A 308 -3.43 -14.78 -12.58
C ILE A 308 -3.49 -13.39 -12.00
N CYS A 309 -4.41 -12.57 -12.51
CA CYS A 309 -4.61 -11.24 -11.94
C CYS A 309 -5.73 -11.25 -10.87
N ILE A 310 -5.36 -10.84 -9.66
CA ILE A 310 -6.25 -10.77 -8.53
C ILE A 310 -6.54 -9.31 -8.21
N VAL A 311 -7.81 -8.95 -8.22
CA VAL A 311 -8.23 -7.59 -7.94
C VAL A 311 -8.27 -7.43 -6.42
N LEU A 312 -7.37 -6.57 -5.92
CA LEU A 312 -7.39 -6.14 -4.53
C LEU A 312 -8.29 -4.93 -4.45
N SER A 313 -9.54 -5.19 -4.12
CA SER A 313 -10.62 -4.29 -4.46
C SER A 313 -10.82 -3.13 -3.47
N GLY A 314 -10.19 -3.22 -2.29
CA GLY A 314 -10.40 -2.22 -1.23
C GLY A 314 -9.36 -2.25 -0.14
N GLY A 315 -9.20 -1.11 0.54
CA GLY A 315 -8.24 -0.92 1.63
C GLY A 315 -8.92 -0.25 2.82
N ASN A 316 -10.25 -0.28 2.82
CA ASN A 316 -11.06 0.41 3.83
C ASN A 316 -11.34 -0.44 5.08
N VAL A 317 -10.32 -0.57 5.90
CA VAL A 317 -10.34 -1.38 7.11
C VAL A 317 -9.97 -0.52 8.35
N ASP A 318 -10.58 -0.82 9.50
CA ASP A 318 -10.25 -0.10 10.75
C ASP A 318 -8.89 -0.56 11.23
N LEU A 319 -8.07 0.42 11.61
CA LEU A 319 -6.66 0.17 11.91
C LEU A 319 -6.50 -0.24 13.36
N THR A 320 -7.29 0.41 14.22
CA THR A 320 -7.36 0.11 15.64
C THR A 320 -8.06 -1.25 15.91
N SER A 321 -8.94 -1.65 15.00
CA SER A 321 -9.66 -2.91 15.14
C SER A 321 -8.86 -4.06 14.55
N LEU A 322 -8.77 -5.17 15.29
CA LEU A 322 -8.05 -6.33 14.84
C LEU A 322 -8.57 -7.59 15.51
N SER A 323 -7.75 -8.64 15.43
CA SER A 323 -8.07 -9.92 16.03
C SER A 323 -6.75 -10.69 15.88
N GLN B 4 37.49 13.54 -1.99
CA GLN B 4 37.18 12.20 -1.41
C GLN B 4 36.40 12.25 -0.10
N TYR B 5 35.32 11.46 -0.05
CA TYR B 5 34.62 11.13 1.18
C TYR B 5 34.81 9.63 1.41
N ASP B 6 34.36 9.10 2.55
CA ASP B 6 34.65 7.68 2.84
C ASP B 6 34.30 6.64 1.72
N ILE B 7 33.25 6.91 0.96
CA ILE B 7 32.90 6.12 -0.25
C ILE B 7 32.96 7.00 -1.50
N SER B 8 33.18 6.36 -2.64
CA SER B 8 33.29 7.02 -3.93
C SER B 8 32.04 6.82 -4.78
N PHE B 9 31.75 7.76 -5.70
CA PHE B 9 30.74 7.53 -6.73
C PHE B 9 30.88 6.12 -7.33
N ALA B 10 32.07 5.80 -7.85
CA ALA B 10 32.43 4.45 -8.33
C ALA B 10 31.97 3.27 -7.44
N ASP B 11 32.12 3.43 -6.11
CA ASP B 11 31.73 2.41 -5.11
C ASP B 11 30.22 2.20 -5.08
N VAL B 12 29.46 3.19 -5.58
CA VAL B 12 28.01 3.17 -5.63
C VAL B 12 27.48 2.32 -6.79
N GLU B 13 28.09 2.48 -7.97
CA GLU B 13 27.72 1.71 -9.16
C GLU B 13 28.14 0.25 -9.02
N LYS B 14 29.33 0.03 -8.48
CA LYS B 14 29.83 -1.33 -8.19
C LYS B 14 28.95 -2.05 -7.17
N ALA B 15 28.35 -1.26 -6.27
CA ALA B 15 27.37 -1.74 -5.30
C ALA B 15 26.06 -2.08 -6.01
N HIS B 16 25.63 -1.21 -6.92
CA HIS B 16 24.47 -1.47 -7.78
C HIS B 16 24.64 -2.81 -8.51
N LEU B 17 25.71 -2.92 -9.30
CA LEU B 17 26.04 -4.15 -10.03
C LEU B 17 26.28 -5.34 -9.09
N ASN B 18 26.73 -5.05 -7.87
CA ASN B 18 26.95 -6.08 -6.82
C ASN B 18 25.65 -6.58 -6.14
N ILE B 19 24.62 -5.75 -6.19
CA ILE B 19 23.33 -6.11 -5.59
C ILE B 19 22.18 -5.88 -6.55
N GLN B 20 22.36 -5.66 -7.84
CA GLN B 20 21.14 -5.41 -8.59
C GLN B 20 20.46 -6.70 -9.06
N ASP B 21 20.91 -7.85 -8.55
CA ASP B 21 20.42 -9.16 -8.95
C ASP B 21 19.48 -9.74 -7.90
N SER B 22 19.54 -9.20 -6.69
CA SER B 22 18.68 -9.67 -5.59
C SER B 22 17.94 -8.51 -4.91
N VAL B 23 17.86 -7.37 -5.60
CA VAL B 23 17.31 -6.14 -5.07
C VAL B 23 16.21 -5.61 -6.00
N HIS B 24 15.03 -5.36 -5.43
CA HIS B 24 13.90 -4.86 -6.21
C HIS B 24 14.11 -3.39 -6.60
N LEU B 25 13.95 -3.10 -7.89
CA LEU B 25 13.76 -1.72 -8.33
C LEU B 25 12.32 -1.31 -7.95
N THR B 26 12.12 -1.04 -6.64
CA THR B 26 10.80 -0.78 -6.05
C THR B 26 10.09 0.36 -6.78
N PRO B 27 8.74 0.36 -6.79
CA PRO B 27 8.01 1.40 -7.52
C PRO B 27 8.02 2.79 -6.88
N VAL B 28 7.72 3.80 -7.69
CA VAL B 28 7.30 5.09 -7.21
C VAL B 28 5.78 5.19 -7.40
N LEU B 29 5.07 5.32 -6.27
CA LEU B 29 3.63 5.50 -6.27
C LEU B 29 3.40 6.96 -5.98
N THR B 30 2.23 7.47 -6.32
CA THR B 30 1.88 8.88 -6.13
C THR B 30 0.52 8.94 -5.43
N SER B 31 0.05 10.13 -5.04
CA SER B 31 -1.28 10.24 -4.40
C SER B 31 -1.92 11.61 -4.57
N SER B 32 -3.12 11.66 -5.16
CA SER B 32 -3.81 12.93 -5.41
C SER B 32 -4.29 13.65 -4.15
N ILE B 33 -4.78 12.92 -3.16
CA ILE B 33 -5.23 13.54 -1.91
C ILE B 33 -4.03 14.07 -1.10
N LEU B 34 -2.93 13.34 -1.15
CA LEU B 34 -1.67 13.73 -0.51
C LEU B 34 -0.96 14.86 -1.27
N ASN B 35 -0.98 14.85 -2.61
CA ASN B 35 -0.51 15.98 -3.42
C ASN B 35 -1.24 17.27 -3.02
N GLN B 36 -2.49 17.09 -2.58
CA GLN B 36 -3.40 18.18 -2.27
C GLN B 36 -3.24 18.79 -0.87
N ILE B 37 -2.82 17.98 0.11
CA ILE B 37 -2.46 18.50 1.45
C ILE B 37 -1.06 19.11 1.48
N ALA B 38 -0.12 18.55 0.72
CA ALA B 38 1.20 19.17 0.57
C ALA B 38 1.12 20.46 -0.24
N GLY B 39 0.54 20.40 -1.45
CA GLY B 39 0.56 21.54 -2.34
C GLY B 39 1.80 21.44 -3.21
N ARG B 40 2.31 20.22 -3.33
CA ARG B 40 3.43 19.88 -4.20
C ARG B 40 3.01 18.62 -4.92
N ASN B 41 3.90 18.13 -5.77
CA ASN B 41 3.68 16.87 -6.48
C ASN B 41 4.58 15.78 -5.90
N LEU B 42 4.03 15.06 -4.94
CA LEU B 42 4.75 14.05 -4.18
C LEU B 42 4.86 12.72 -4.93
N PHE B 43 6.07 12.16 -4.92
CA PHE B 43 6.36 10.89 -5.52
C PHE B 43 6.99 10.00 -4.45
N PHE B 44 6.33 8.90 -4.12
CA PHE B 44 6.83 8.04 -3.05
C PHE B 44 7.67 6.90 -3.55
N LYS B 45 8.95 6.93 -3.17
CA LYS B 45 9.86 5.83 -3.44
C LYS B 45 9.65 4.69 -2.40
N CYS B 46 8.96 3.64 -2.83
CA CYS B 46 8.41 2.65 -1.93
C CYS B 46 9.41 1.58 -1.53
N GLU B 47 10.39 1.94 -0.70
CA GLU B 47 11.39 1.00 -0.22
C GLU B 47 10.88 0.05 0.88
N LEU B 48 9.65 0.30 1.35
CA LEU B 48 8.93 -0.68 2.20
C LEU B 48 8.65 -2.02 1.53
N PHE B 49 8.65 -2.02 0.18
CA PHE B 49 8.39 -3.22 -0.62
C PHE B 49 9.70 -4.05 -0.76
N GLN B 50 10.81 -3.50 -0.29
CA GLN B 50 12.11 -4.16 -0.46
C GLN B 50 12.23 -5.45 0.33
N LYS B 51 13.12 -6.31 -0.17
CA LYS B 51 13.46 -7.55 0.51
C LYS B 51 13.89 -7.16 1.87
N THR B 52 13.45 -7.99 2.77
CA THR B 52 13.68 -7.77 4.12
C THR B 52 12.78 -6.68 4.85
N GLY B 53 12.08 -5.82 4.10
CA GLY B 53 11.20 -4.80 4.68
C GLY B 53 11.61 -3.32 4.67
N SER B 54 12.86 -3.10 4.28
CA SER B 54 13.48 -1.77 4.19
C SER B 54 14.58 -1.77 3.14
N PHE B 55 15.09 -0.58 2.83
CA PHE B 55 16.29 -0.43 1.96
C PHE B 55 17.57 -1.13 2.49
N LYS B 56 17.60 -1.53 3.77
CA LYS B 56 18.84 -2.04 4.37
C LYS B 56 19.40 -3.35 3.78
N ILE B 57 18.69 -3.96 2.82
CA ILE B 57 19.19 -5.20 2.16
C ILE B 57 20.31 -4.86 1.21
N ARG B 58 20.28 -3.66 0.64
CA ARG B 58 21.32 -3.21 -0.28
C ARG B 58 22.69 -3.21 0.40
N GLY B 59 22.86 -2.30 1.37
CA GLY B 59 24.11 -2.20 2.10
C GLY B 59 24.52 -3.49 2.76
N ALA B 60 23.56 -4.26 3.27
CA ALA B 60 23.85 -5.54 3.90
C ALA B 60 24.33 -6.62 2.91
N LEU B 61 23.73 -6.68 1.72
CA LEU B 61 24.19 -7.56 0.64
C LEU B 61 25.59 -7.16 0.16
N ASN B 62 25.72 -5.87 -0.14
CA ASN B 62 26.97 -5.30 -0.62
C ASN B 62 28.13 -5.44 0.39
N ALA B 63 27.85 -5.23 1.67
CA ALA B 63 28.83 -5.51 2.72
C ALA B 63 29.20 -6.99 2.72
N ILE B 64 28.20 -7.87 2.70
CA ILE B 64 28.43 -9.31 2.65
C ILE B 64 29.19 -9.74 1.36
N ARG B 65 28.79 -9.17 0.21
CA ARG B 65 29.48 -9.42 -1.06
C ARG B 65 30.04 -8.14 -1.70
N GLY B 66 31.36 -8.06 -1.83
CA GLY B 66 32.00 -6.89 -2.42
C GLY B 66 33.15 -6.36 -1.60
N PRO B 76 34.23 -15.94 7.01
CA PRO B 76 33.98 -15.43 8.36
C PRO B 76 33.31 -16.48 9.26
N LYS B 77 33.83 -16.62 10.49
CA LYS B 77 33.25 -17.45 11.58
C LYS B 77 31.81 -17.04 11.89
N ALA B 78 31.59 -15.72 11.93
CA ALA B 78 30.29 -15.09 12.11
C ALA B 78 30.30 -13.73 11.42
N VAL B 79 29.14 -13.06 11.43
CA VAL B 79 29.07 -11.59 11.32
C VAL B 79 28.20 -11.08 12.46
N VAL B 80 28.64 -9.97 13.05
CA VAL B 80 27.97 -9.38 14.21
C VAL B 80 27.58 -7.92 13.88
N THR B 81 26.50 -7.47 14.51
CA THR B 81 26.13 -6.05 14.46
C THR B 81 25.08 -5.66 15.48
N HIS B 82 24.85 -4.35 15.56
CA HIS B 82 23.84 -3.70 16.41
C HIS B 82 22.73 -3.06 15.54
N SER B 83 21.48 -3.26 15.97
CA SER B 83 20.33 -2.84 15.19
C SER B 83 19.13 -2.60 16.09
N SER B 84 18.31 -1.62 15.73
CA SER B 84 16.94 -1.50 16.28
C SER B 84 15.98 -2.48 15.58
N GLY B 85 16.38 -2.95 14.40
CA GLY B 85 15.61 -3.97 13.70
C GLY B 85 15.99 -4.23 12.26
N ASN B 86 16.06 -3.17 11.44
CA ASN B 86 16.17 -3.34 9.99
C ASN B 86 17.48 -3.90 9.47
N HIS B 87 18.61 -3.29 9.86
CA HIS B 87 19.93 -3.78 9.44
C HIS B 87 20.18 -5.18 10.01
N GLY B 88 19.69 -5.42 11.23
CA GLY B 88 19.74 -6.73 11.88
C GLY B 88 18.94 -7.80 11.16
N GLN B 89 18.05 -7.39 10.26
CA GLN B 89 17.22 -8.31 9.47
C GLN B 89 17.81 -8.51 8.11
N ALA B 90 18.33 -7.43 7.53
CA ALA B 90 18.90 -7.47 6.19
C ALA B 90 20.32 -8.03 6.19
N LEU B 91 20.97 -8.01 7.36
CA LEU B 91 22.28 -8.65 7.52
C LEU B 91 22.09 -10.15 7.71
N THR B 92 21.23 -10.52 8.65
CA THR B 92 20.91 -11.92 8.92
C THR B 92 20.33 -12.61 7.68
N TYR B 93 19.60 -11.87 6.86
CA TYR B 93 19.17 -12.37 5.55
C TYR B 93 20.37 -12.68 4.66
N ALA B 94 21.09 -11.62 4.26
CA ALA B 94 22.25 -11.71 3.35
C ALA B 94 23.39 -12.65 3.81
N ALA B 95 23.40 -13.00 5.11
CA ALA B 95 24.43 -13.90 5.67
C ALA B 95 23.98 -15.35 5.75
N LYS B 96 22.69 -15.57 5.99
CA LYS B 96 22.10 -16.92 5.92
C LYS B 96 22.30 -17.52 4.51
N LEU B 97 22.28 -16.65 3.50
CA LEU B 97 22.46 -17.04 2.11
C LEU B 97 23.86 -17.58 1.82
N GLU B 98 24.84 -17.19 2.64
CA GLU B 98 26.24 -17.60 2.48
C GLU B 98 26.71 -18.59 3.55
N GLY B 99 25.77 -19.10 4.34
CA GLY B 99 26.03 -20.12 5.37
C GLY B 99 26.68 -19.63 6.66
N ILE B 100 26.76 -18.31 6.82
CA ILE B 100 27.48 -17.64 7.92
C ILE B 100 26.53 -17.39 9.11
N PRO B 101 26.88 -17.89 10.32
CA PRO B 101 25.99 -17.67 11.48
C PRO B 101 26.04 -16.18 11.90
N ALA B 102 24.95 -15.66 12.47
CA ALA B 102 24.89 -14.22 12.75
C ALA B 102 24.43 -13.86 14.16
N TYR B 103 25.06 -12.83 14.71
CA TYR B 103 24.76 -12.35 16.05
C TYR B 103 24.27 -10.91 15.96
N ILE B 104 23.09 -10.65 16.53
CA ILE B 104 22.47 -9.33 16.43
C ILE B 104 22.23 -8.70 17.81
N VAL B 105 22.85 -7.55 18.03
CA VAL B 105 22.65 -6.76 19.24
C VAL B 105 21.48 -5.83 18.96
N VAL B 106 20.43 -5.93 19.78
CA VAL B 106 19.18 -5.19 19.61
C VAL B 106 18.68 -4.62 20.95
N PRO B 107 18.58 -3.28 21.06
CA PRO B 107 18.05 -2.64 22.29
C PRO B 107 16.83 -3.35 22.89
N GLN B 108 16.74 -3.36 24.22
CA GLN B 108 15.62 -4.00 24.90
C GLN B 108 14.25 -3.31 24.72
N THR B 109 14.28 -2.01 24.40
CA THR B 109 13.05 -1.27 24.10
C THR B 109 12.72 -1.32 22.59
N ALA B 110 13.59 -1.97 21.80
CA ALA B 110 13.43 -2.11 20.35
C ALA B 110 12.20 -2.93 19.95
N PRO B 111 11.61 -2.62 18.77
CA PRO B 111 10.38 -3.28 18.28
C PRO B 111 10.37 -4.81 18.36
N ASN B 112 9.36 -5.33 19.06
CA ASN B 112 9.19 -6.77 19.30
C ASN B 112 9.10 -7.61 18.02
N CYS B 113 8.46 -7.06 16.99
CA CYS B 113 8.33 -7.72 15.68
C CYS B 113 9.65 -7.75 14.89
N LYS B 114 10.51 -6.77 15.12
CA LYS B 114 11.84 -6.71 14.50
C LYS B 114 12.82 -7.64 15.22
N LYS B 115 12.48 -7.96 16.48
CA LYS B 115 13.20 -8.94 17.29
C LYS B 115 12.86 -10.32 16.78
N LEU B 116 11.58 -10.71 16.92
CA LEU B 116 11.09 -12.00 16.43
C LEU B 116 11.48 -12.29 14.97
N ALA B 117 11.49 -11.26 14.13
CA ALA B 117 11.86 -11.42 12.72
C ALA B 117 13.36 -11.73 12.52
N ILE B 118 14.22 -11.25 13.42
CA ILE B 118 15.67 -11.50 13.37
C ILE B 118 16.04 -12.96 13.78
N GLN B 119 15.38 -13.45 14.83
CA GLN B 119 15.53 -14.83 15.30
C GLN B 119 15.02 -15.81 14.23
N ALA B 120 13.82 -15.54 13.68
CA ALA B 120 13.25 -16.32 12.58
C ALA B 120 14.10 -16.28 11.29
N TYR B 121 14.93 -15.24 11.15
CA TYR B 121 15.94 -15.19 10.08
C TYR B 121 17.19 -16.02 10.41
N GLY B 122 17.17 -16.66 11.58
CA GLY B 122 18.21 -17.63 11.98
C GLY B 122 19.13 -17.25 13.13
N ALA B 123 19.40 -15.95 13.28
CA ALA B 123 20.50 -15.46 14.12
C ALA B 123 20.25 -15.55 15.63
N SER B 124 21.36 -15.50 16.38
CA SER B 124 21.35 -15.31 17.85
C SER B 124 21.17 -13.83 18.26
N ILE B 125 20.17 -13.60 19.10
CA ILE B 125 19.82 -12.25 19.55
C ILE B 125 20.36 -11.97 20.96
N VAL B 126 21.05 -10.84 21.10
CA VAL B 126 21.60 -10.40 22.39
C VAL B 126 21.16 -8.96 22.71
N TYR B 127 20.44 -8.80 23.82
CA TYR B 127 19.86 -7.53 24.20
C TYR B 127 20.87 -6.55 24.83
N SER B 128 20.92 -5.33 24.28
CA SER B 128 21.66 -4.20 24.88
C SER B 128 20.72 -3.07 25.34
N GLU B 129 21.31 -1.97 25.84
CA GLU B 129 20.54 -0.79 26.25
C GLU B 129 20.38 0.14 25.04
N PRO B 130 19.32 0.97 25.05
CA PRO B 130 19.13 1.78 23.86
C PRO B 130 20.06 2.99 23.83
N SER B 131 21.22 2.83 23.17
CA SER B 131 22.16 3.95 22.89
C SER B 131 23.29 3.59 21.93
N ASP B 132 23.74 4.57 21.15
CA ASP B 132 24.88 4.44 20.21
C ASP B 132 26.10 3.82 20.88
N GLU B 133 26.07 3.83 22.21
CA GLU B 133 27.20 3.48 23.06
C GLU B 133 27.03 2.04 23.58
N SER B 134 25.92 1.78 24.27
CA SER B 134 25.60 0.42 24.73
C SER B 134 25.61 -0.55 23.55
N ARG B 135 24.89 -0.21 22.47
CA ARG B 135 24.94 -0.94 21.19
C ARG B 135 26.38 -1.13 20.72
N GLU B 136 27.08 -0.06 20.38
CA GLU B 136 28.39 -0.06 19.78
C GLU B 136 29.43 -0.79 20.65
N ASN B 137 28.98 -1.33 21.79
CA ASN B 137 29.88 -1.98 22.74
C ASN B 137 29.51 -3.44 23.07
N VAL B 138 28.26 -3.69 23.45
CA VAL B 138 27.75 -5.07 23.56
C VAL B 138 27.90 -5.78 22.19
N ALA B 139 28.24 -5.00 21.16
CA ALA B 139 28.55 -5.52 19.82
C ALA B 139 29.97 -6.10 19.76
N GLN B 140 30.94 -5.41 20.35
CA GLN B 140 32.33 -5.90 20.32
C GLN B 140 32.60 -6.95 21.41
N ARG B 141 31.64 -7.06 22.33
CA ARG B 141 31.60 -8.04 23.42
C ARG B 141 31.25 -9.43 22.90
N ILE B 142 30.40 -9.48 21.89
CA ILE B 142 30.10 -10.70 21.13
C ILE B 142 31.19 -11.02 20.08
N ILE B 143 31.73 -9.99 19.42
CA ILE B 143 32.86 -10.16 18.48
C ILE B 143 34.04 -10.91 19.13
N GLN B 144 34.34 -10.55 20.38
CA GLN B 144 35.45 -11.14 21.14
C GLN B 144 35.10 -12.59 21.53
N GLU B 145 33.80 -12.83 21.72
CA GLU B 145 33.25 -14.09 22.20
C GLU B 145 33.06 -15.14 21.10
N THR B 146 33.04 -14.67 19.85
CA THR B 146 32.69 -15.49 18.68
C THR B 146 33.74 -15.43 17.55
N GLU B 147 34.66 -14.46 17.66
CA GLU B 147 35.63 -14.09 16.61
C GLU B 147 34.99 -13.68 15.27
N GLY B 148 33.73 -13.26 15.32
CA GLY B 148 33.01 -12.78 14.14
C GLY B 148 33.40 -11.36 13.74
N ILE B 149 33.07 -10.99 12.50
CA ILE B 149 33.37 -9.65 11.95
C ILE B 149 32.13 -8.72 12.13
N LEU B 150 32.37 -7.41 12.25
CA LEU B 150 31.27 -6.43 12.38
C LEU B 150 30.88 -5.77 11.05
N VAL B 151 29.58 -5.68 10.79
CA VAL B 151 29.05 -4.90 9.67
C VAL B 151 28.16 -3.76 10.19
N HIS B 152 28.65 -2.53 10.03
CA HIS B 152 28.07 -1.37 10.71
C HIS B 152 26.90 -0.72 9.95
N PRO B 153 25.75 -0.55 10.63
CA PRO B 153 24.49 -0.05 10.08
C PRO B 153 24.54 1.17 9.16
N ASN B 154 25.50 2.06 9.33
CA ASN B 154 25.52 3.26 8.49
C ASN B 154 26.91 3.85 8.25
N GLN B 155 27.89 3.42 9.05
CA GLN B 155 29.25 3.96 8.95
C GLN B 155 30.19 3.06 8.13
N GLU B 156 29.98 1.73 8.21
CA GLU B 156 30.67 0.75 7.35
C GLU B 156 30.47 1.15 5.87
N PRO B 157 31.57 1.41 5.14
CA PRO B 157 31.42 2.14 3.87
C PRO B 157 30.93 1.27 2.68
N ALA B 158 30.95 -0.05 2.86
CA ALA B 158 30.22 -0.93 1.95
C ALA B 158 28.71 -0.71 2.11
N VAL B 159 28.24 -0.76 3.37
CA VAL B 159 26.85 -0.45 3.76
C VAL B 159 26.36 0.92 3.27
N ILE B 160 27.19 1.95 3.34
CA ILE B 160 26.80 3.28 2.86
C ILE B 160 26.66 3.31 1.35
N ALA B 161 27.35 2.37 0.68
CA ALA B 161 27.41 2.29 -0.79
C ALA B 161 26.16 1.60 -1.33
N GLY B 162 25.71 0.58 -0.60
CA GLY B 162 24.46 -0.10 -0.83
C GLY B 162 23.24 0.79 -0.94
N GLN B 163 23.22 1.90 -0.18
CA GLN B 163 22.03 2.77 -0.03
C GLN B 163 21.96 3.94 -1.02
N GLY B 164 23.10 4.25 -1.63
CA GLY B 164 23.13 5.29 -2.64
C GLY B 164 22.45 4.83 -3.92
N THR B 165 22.35 3.50 -4.08
CA THR B 165 21.70 2.90 -5.25
C THR B 165 20.17 3.05 -5.23
N ILE B 166 19.65 3.71 -4.20
CA ILE B 166 18.27 4.20 -4.19
C ILE B 166 18.19 5.40 -5.12
N ALA B 167 19.28 6.18 -5.16
CA ALA B 167 19.30 7.49 -5.80
C ALA B 167 19.36 7.38 -7.32
N LEU B 168 20.00 6.31 -7.79
CA LEU B 168 20.14 6.04 -9.20
C LEU B 168 18.74 5.76 -9.78
N GLU B 169 18.06 4.79 -9.16
CA GLU B 169 16.68 4.41 -9.47
C GLU B 169 15.71 5.60 -9.53
N VAL B 170 15.74 6.46 -8.52
CA VAL B 170 14.86 7.65 -8.47
C VAL B 170 15.05 8.64 -9.63
N LEU B 171 16.28 8.77 -10.12
CA LEU B 171 16.58 9.70 -11.23
C LEU B 171 15.90 9.29 -12.55
N ASN B 172 15.92 7.98 -12.84
CA ASN B 172 15.15 7.39 -13.94
C ASN B 172 13.66 7.49 -13.67
N GLN B 173 13.23 6.81 -12.60
CA GLN B 173 11.82 6.70 -12.24
C GLN B 173 11.10 8.04 -12.20
N VAL B 174 11.71 9.07 -11.63
CA VAL B 174 11.17 10.42 -11.74
C VAL B 174 12.15 11.26 -12.60
N PRO B 175 11.81 11.45 -13.90
CA PRO B 175 12.71 12.13 -14.83
C PRO B 175 12.87 13.59 -14.44
N LEU B 176 11.76 14.22 -14.08
CA LEU B 176 11.69 15.65 -13.77
C LEU B 176 11.66 15.92 -12.25
N VAL B 177 12.39 15.11 -11.47
CA VAL B 177 12.50 15.25 -9.99
C VAL B 177 13.17 16.57 -9.50
N ASP B 178 12.51 17.28 -8.57
CA ASP B 178 13.01 18.54 -8.00
C ASP B 178 13.77 18.40 -6.67
N ALA B 179 13.40 17.43 -5.82
CA ALA B 179 14.00 17.26 -4.47
C ALA B 179 13.79 15.85 -3.91
N LEU B 180 14.82 15.31 -3.25
CA LEU B 180 14.69 14.04 -2.49
C LEU B 180 14.66 14.25 -0.98
N VAL B 181 13.49 14.02 -0.37
CA VAL B 181 13.32 14.14 1.08
C VAL B 181 13.58 12.79 1.71
N VAL B 182 14.63 12.70 2.55
CA VAL B 182 15.15 11.44 3.06
C VAL B 182 15.19 11.47 4.58
N PRO B 183 14.65 10.42 5.26
CA PRO B 183 14.80 10.29 6.72
C PRO B 183 16.25 9.96 7.17
N VAL B 184 16.78 10.69 8.16
CA VAL B 184 18.18 10.51 8.58
C VAL B 184 18.30 9.97 10.00
N GLY B 185 19.09 8.92 10.16
CA GLY B 185 19.51 8.43 11.47
C GLY B 185 21.02 8.57 11.58
N GLY B 186 21.73 7.48 11.28
CA GLY B 186 23.18 7.49 11.16
C GLY B 186 23.63 8.23 9.91
N GLY B 187 22.71 8.48 8.99
CA GLY B 187 22.98 9.29 7.83
C GLY B 187 23.55 8.51 6.67
N GLY B 188 23.75 7.21 6.86
CA GLY B 188 24.21 6.31 5.81
C GLY B 188 23.41 6.43 4.51
N MET B 189 22.08 6.36 4.60
CA MET B 189 21.22 6.52 3.43
C MET B 189 21.32 7.93 2.81
N VAL B 190 20.94 8.99 3.55
CA VAL B 190 20.98 10.38 3.00
C VAL B 190 22.35 10.85 2.49
N ALA B 191 23.43 10.38 3.11
CA ALA B 191 24.78 10.66 2.64
C ALA B 191 25.09 9.86 1.38
N GLY B 192 25.02 8.53 1.48
CA GLY B 192 25.03 7.64 0.30
C GLY B 192 24.18 8.10 -0.88
N ILE B 193 23.07 8.79 -0.62
CA ILE B 193 22.21 9.34 -1.67
C ILE B 193 22.75 10.64 -2.23
N ALA B 194 23.43 11.42 -1.38
CA ALA B 194 23.96 12.75 -1.77
C ALA B 194 25.26 12.62 -2.56
N ILE B 195 26.01 11.56 -2.26
CA ILE B 195 27.20 11.20 -2.99
C ILE B 195 26.82 10.92 -4.44
N THR B 196 25.74 10.17 -4.61
CA THR B 196 25.20 9.84 -5.93
C THR B 196 24.43 10.99 -6.60
N ILE B 197 23.43 11.56 -5.93
CA ILE B 197 22.58 12.60 -6.53
C ILE B 197 23.35 13.81 -7.04
N LYS B 198 24.18 14.40 -6.17
CA LYS B 198 24.71 15.76 -6.39
C LYS B 198 25.67 15.93 -7.58
N THR B 199 26.38 14.84 -7.93
CA THR B 199 27.12 14.74 -9.20
C THR B 199 26.20 15.02 -10.40
N LEU B 200 25.25 14.09 -10.60
CA LEU B 200 24.46 14.00 -11.82
C LEU B 200 23.48 15.14 -12.00
N LYS B 201 23.02 15.73 -10.90
CA LYS B 201 22.19 16.94 -10.98
C LYS B 201 22.21 17.64 -9.62
N PRO B 202 22.73 18.90 -9.58
CA PRO B 202 22.80 19.72 -8.36
C PRO B 202 21.65 20.73 -8.17
N SER B 203 20.76 20.84 -9.17
CA SER B 203 19.51 21.60 -9.04
C SER B 203 18.45 20.73 -8.32
N VAL B 204 18.78 19.45 -8.15
CA VAL B 204 18.03 18.51 -7.32
C VAL B 204 18.44 18.69 -5.84
N LYS B 205 17.59 19.42 -5.11
CA LYS B 205 17.71 19.55 -3.65
C LYS B 205 17.75 18.18 -2.95
N VAL B 206 18.55 18.09 -1.89
CA VAL B 206 18.54 16.93 -1.01
C VAL B 206 18.17 17.45 0.39
N TYR B 207 16.93 17.21 0.79
CA TYR B 207 16.50 17.58 2.13
C TYR B 207 16.57 16.37 3.06
N ALA B 208 16.98 16.61 4.31
CA ALA B 208 17.01 15.58 5.34
C ALA B 208 15.84 15.79 6.29
N ALA B 209 15.29 14.69 6.79
CA ALA B 209 14.10 14.71 7.66
C ALA B 209 14.35 13.86 8.88
N GLU B 210 13.94 14.36 10.04
CA GLU B 210 14.47 13.85 11.29
C GLU B 210 13.55 14.28 12.41
N PRO B 211 13.32 13.43 13.40
CA PRO B 211 12.43 13.86 14.49
C PRO B 211 13.12 14.91 15.38
N SER B 212 12.33 15.81 15.94
CA SER B 212 12.82 16.82 16.87
C SER B 212 13.46 16.23 18.12
N ASN B 213 12.94 15.10 18.60
CA ASN B 213 13.48 14.38 19.74
C ASN B 213 14.82 13.77 19.41
N ALA B 214 15.23 13.81 18.15
CA ALA B 214 16.50 13.22 17.76
C ALA B 214 17.22 14.03 16.71
N ASP B 215 17.43 15.32 17.00
CA ASP B 215 17.86 16.29 15.99
C ASP B 215 19.34 16.60 15.95
N ASP B 216 20.17 15.58 16.18
CA ASP B 216 21.61 15.70 15.94
C ASP B 216 21.99 16.16 14.52
N CYS B 217 21.20 15.79 13.49
CA CYS B 217 21.55 16.20 12.12
C CYS B 217 21.26 17.68 11.86
N TYR B 218 20.18 18.19 12.45
CA TYR B 218 19.88 19.60 12.40
C TYR B 218 20.88 20.42 13.25
N GLN B 219 21.15 19.95 14.48
CA GLN B 219 22.06 20.64 15.37
C GLN B 219 23.45 20.77 14.74
N SER B 220 23.95 19.67 14.16
CA SER B 220 25.21 19.65 13.44
C SER B 220 25.31 20.71 12.33
N LYS B 221 24.24 20.85 11.55
CA LYS B 221 24.19 21.86 10.48
C LYS B 221 24.16 23.29 11.03
N LEU B 222 23.33 23.49 12.05
CA LEU B 222 23.27 24.75 12.78
C LEU B 222 24.68 25.11 13.29
N LYS B 223 25.31 24.16 14.00
CA LYS B 223 26.63 24.35 14.63
C LYS B 223 27.84 24.34 13.69
N GLY B 224 27.71 23.69 12.55
CA GLY B 224 28.77 23.64 11.56
C GLY B 224 29.77 22.54 11.84
N GLU B 225 29.50 21.71 12.85
CA GLU B 225 30.42 20.66 13.27
C GLU B 225 29.61 19.48 13.87
N LEU B 226 30.19 18.28 13.89
CA LEU B 226 29.48 17.07 14.32
C LEU B 226 28.97 17.16 15.76
N THR B 227 27.64 17.12 15.93
CA THR B 227 26.96 17.39 17.18
C THR B 227 25.91 16.30 17.52
N PRO B 228 26.37 15.10 17.95
CA PRO B 228 25.52 13.93 18.18
C PRO B 228 24.54 14.10 19.34
N ASN B 229 23.49 13.26 19.40
CA ASN B 229 22.64 13.20 20.58
C ASN B 229 23.51 12.64 21.66
N LEU B 230 23.50 13.31 22.81
CA LEU B 230 24.28 12.89 23.98
C LEU B 230 23.36 12.32 25.05
N HIS B 231 22.06 12.51 24.87
CA HIS B 231 21.06 11.72 25.58
C HIS B 231 20.41 10.76 24.60
N PRO B 232 20.03 9.54 25.05
CA PRO B 232 19.34 8.62 24.12
C PRO B 232 17.98 9.21 23.74
N PRO B 233 17.68 9.29 22.43
CA PRO B 233 16.44 9.93 21.99
C PRO B 233 15.18 9.15 22.38
N GLU B 234 14.12 9.87 22.75
CA GLU B 234 12.82 9.26 23.01
C GLU B 234 11.89 9.66 21.86
N THR B 235 11.60 8.70 20.98
CA THR B 235 10.96 9.01 19.71
C THR B 235 10.31 7.76 19.15
N ILE B 236 9.21 7.98 18.43
CA ILE B 236 8.35 6.92 17.90
C ILE B 236 8.94 6.32 16.62
N ALA B 237 9.89 7.07 16.07
CA ALA B 237 10.67 6.73 14.91
C ALA B 237 11.87 5.88 15.33
N ASP B 238 11.58 4.62 15.65
CA ASP B 238 12.53 3.71 16.27
C ASP B 238 13.82 3.50 15.46
N GLY B 239 13.72 3.71 14.14
CA GLY B 239 14.84 3.45 13.22
C GLY B 239 15.79 4.59 12.94
N VAL B 240 15.50 5.79 13.44
CA VAL B 240 16.38 6.98 13.29
C VAL B 240 16.90 7.58 14.65
N LYS B 241 17.06 6.71 15.63
CA LYS B 241 17.54 7.10 16.94
C LYS B 241 19.06 7.30 16.96
N SER B 242 19.75 6.72 15.97
CA SER B 242 21.20 6.74 15.87
C SER B 242 21.68 8.12 15.50
N SER B 243 22.87 8.48 15.98
CA SER B 243 23.49 9.72 15.59
C SER B 243 24.24 9.52 14.28
N ILE B 244 24.39 10.63 13.55
CA ILE B 244 25.27 10.68 12.40
C ILE B 244 26.73 10.55 12.87
N GLY B 245 27.57 9.94 12.04
CA GLY B 245 28.95 9.66 12.41
C GLY B 245 29.94 10.43 11.55
N LEU B 246 31.22 10.05 11.68
CA LEU B 246 32.30 10.81 11.08
C LEU B 246 32.38 10.69 9.55
N ASN B 247 32.23 9.46 9.03
CA ASN B 247 32.16 9.22 7.57
C ASN B 247 31.01 9.96 6.88
N THR B 248 29.82 9.91 7.48
CA THR B 248 28.63 10.46 6.83
C THR B 248 28.43 11.96 7.09
N TRP B 249 28.98 12.48 8.18
CA TRP B 249 28.80 13.90 8.49
C TRP B 249 29.28 14.89 7.41
N PRO B 250 30.52 14.71 6.89
CA PRO B 250 31.05 15.66 5.87
C PRO B 250 30.14 15.85 4.67
N ILE B 251 29.64 14.73 4.14
CA ILE B 251 28.66 14.69 3.05
C ILE B 251 27.38 15.48 3.41
N ILE B 252 26.82 15.19 4.56
CA ILE B 252 25.65 15.93 5.05
C ILE B 252 25.92 17.45 5.17
N ARG B 253 27.16 17.79 5.60
CA ARG B 253 27.62 19.17 5.78
C ARG B 253 27.71 19.93 4.46
N ASP B 254 28.21 19.25 3.44
CA ASP B 254 28.47 19.88 2.12
C ASP B 254 27.35 19.71 1.07
N LEU B 255 26.76 18.53 1.03
CA LEU B 255 25.82 18.15 -0.05
C LEU B 255 24.30 18.14 0.30
N VAL B 256 23.96 17.99 1.59
CA VAL B 256 22.56 18.14 1.99
C VAL B 256 22.18 19.63 2.06
N ASP B 257 21.04 19.96 1.47
CA ASP B 257 20.58 21.34 1.27
C ASP B 257 19.91 21.97 2.50
N ASP B 258 19.23 21.14 3.30
CA ASP B 258 18.56 21.62 4.51
C ASP B 258 18.16 20.38 5.36
N VAL B 259 17.81 20.62 6.62
CA VAL B 259 17.32 19.58 7.49
C VAL B 259 16.03 20.12 8.10
N PHE B 260 15.01 19.26 8.14
CA PHE B 260 13.69 19.60 8.66
C PHE B 260 13.34 18.62 9.76
N THR B 261 13.07 19.14 10.96
CA THR B 261 12.83 18.32 12.13
C THR B 261 11.33 18.33 12.41
N VAL B 262 10.79 17.24 12.95
CA VAL B 262 9.34 17.14 13.07
C VAL B 262 8.97 16.63 14.44
N THR B 263 7.84 17.09 14.98
CA THR B 263 7.46 16.66 16.30
C THR B 263 6.87 15.26 16.25
N GLU B 264 6.87 14.61 17.40
CA GLU B 264 6.23 13.31 17.52
C GLU B 264 4.81 13.29 16.91
N ASP B 265 4.06 14.36 17.10
CA ASP B 265 2.70 14.42 16.59
C ASP B 265 2.63 14.59 15.07
N GLU B 266 3.59 15.32 14.49
CA GLU B 266 3.73 15.38 13.05
C GLU B 266 4.06 14.01 12.44
N ILE B 267 4.97 13.26 13.05
CA ILE B 267 5.37 11.93 12.56
C ILE B 267 4.16 10.96 12.60
N LYS B 268 3.47 10.96 13.75
CA LYS B 268 2.27 10.17 13.95
C LYS B 268 1.13 10.52 12.98
N TYR B 269 0.92 11.81 12.75
CA TYR B 269 -0.09 12.29 11.78
C TYR B 269 0.19 11.86 10.36
N ALA B 270 1.43 11.93 9.94
CA ALA B 270 1.82 11.66 8.57
C ALA B 270 1.93 10.16 8.25
N THR B 271 2.30 9.37 9.25
CA THR B 271 2.33 7.92 9.15
C THR B 271 0.91 7.39 9.09
N GLN B 272 -0.03 8.05 9.78
CA GLN B 272 -1.40 7.61 9.73
C GLN B 272 -2.02 7.97 8.38
N LEU B 273 -1.53 9.04 7.78
CA LEU B 273 -2.04 9.54 6.50
C LEU B 273 -1.62 8.59 5.37
N VAL B 274 -0.43 8.00 5.48
CA VAL B 274 0.07 7.05 4.52
C VAL B 274 -0.64 5.70 4.68
N TRP B 275 -1.04 5.36 5.92
CA TRP B 275 -1.78 4.13 6.18
C TRP B 275 -3.16 4.26 5.61
N GLU B 276 -3.87 5.30 6.06
CA GLU B 276 -5.26 5.52 5.73
C GLU B 276 -5.51 5.94 4.28
N ARG B 277 -4.70 6.85 3.75
CA ARG B 277 -4.96 7.36 2.41
C ARG B 277 -4.19 6.60 1.33
N MET B 278 -2.99 6.14 1.61
CA MET B 278 -2.19 5.45 0.58
C MET B 278 -2.29 3.92 0.67
N LYS B 279 -2.74 3.45 1.82
CA LYS B 279 -2.84 2.03 2.12
C LYS B 279 -1.49 1.33 2.10
N LEU B 280 -0.42 2.07 2.40
CA LEU B 280 0.92 1.50 2.51
C LEU B 280 1.30 1.33 3.96
N LEU B 281 1.70 0.11 4.30
CA LEU B 281 1.98 -0.22 5.68
C LEU B 281 3.44 0.15 6.05
N ILE B 282 3.68 1.44 6.20
CA ILE B 282 4.97 1.92 6.59
C ILE B 282 5.14 1.84 8.11
N GLU B 283 6.37 1.56 8.54
CA GLU B 283 6.74 1.83 9.94
C GLU B 283 6.78 3.35 10.16
N PRO B 284 6.53 3.80 11.40
CA PRO B 284 6.51 5.26 11.70
C PRO B 284 7.79 6.04 11.32
N THR B 285 8.93 5.36 11.25
CA THR B 285 10.20 5.95 10.81
C THR B 285 10.16 6.45 9.35
N ALA B 286 9.38 5.75 8.53
CA ALA B 286 9.15 6.10 7.13
C ALA B 286 8.16 7.26 6.97
N GLY B 287 7.36 7.55 7.99
CA GLY B 287 6.46 8.71 7.96
C GLY B 287 7.13 10.06 8.24
N VAL B 288 8.36 10.03 8.76
CA VAL B 288 9.22 11.23 9.01
C VAL B 288 9.48 12.11 7.75
N GLY B 289 9.92 11.48 6.64
CA GLY B 289 10.03 12.19 5.34
C GLY B 289 8.79 12.99 4.94
N LEU B 290 7.62 12.38 5.04
CA LEU B 290 6.36 13.06 4.70
C LEU B 290 5.98 14.16 5.70
N ALA B 291 6.14 13.84 6.99
CA ALA B 291 5.99 14.77 8.10
C ALA B 291 6.74 16.07 7.81
N ALA B 292 7.99 15.92 7.36
CA ALA B 292 8.86 17.04 7.01
C ALA B 292 8.31 17.90 5.88
N VAL B 293 7.70 17.26 4.88
CA VAL B 293 7.14 17.92 3.70
C VAL B 293 5.80 18.62 4.03
N LEU B 294 5.10 18.11 5.04
CA LEU B 294 3.85 18.74 5.46
C LEU B 294 4.03 19.75 6.61
N SER B 295 5.28 20.04 6.98
CA SER B 295 5.58 20.90 8.13
C SER B 295 5.40 22.41 7.85
N GLN B 296 5.10 23.17 8.90
CA GLN B 296 5.04 24.65 8.82
C GLN B 296 6.31 25.26 8.20
N HIS B 297 7.46 24.68 8.54
CA HIS B 297 8.77 25.13 8.04
C HIS B 297 8.98 24.77 6.57
N PHE B 298 8.28 23.75 6.07
CA PHE B 298 8.44 23.38 4.66
C PHE B 298 7.57 24.23 3.74
N GLN B 299 6.49 24.79 4.28
CA GLN B 299 5.57 25.65 3.53
C GLN B 299 6.23 26.94 3.04
N THR B 300 7.51 27.12 3.36
CA THR B 300 8.30 28.28 2.91
C THR B 300 9.48 27.88 2.02
N VAL B 301 9.51 26.61 1.60
CA VAL B 301 10.45 26.15 0.56
C VAL B 301 9.97 26.68 -0.80
N SER B 302 10.90 27.15 -1.62
CA SER B 302 10.60 27.79 -2.92
C SER B 302 9.55 26.99 -3.73
N PRO B 303 8.44 27.66 -4.14
CA PRO B 303 7.36 27.10 -4.96
C PRO B 303 7.83 26.58 -6.33
N GLU B 304 9.10 26.82 -6.66
CA GLU B 304 9.76 26.22 -7.82
C GLU B 304 9.88 24.71 -7.63
N VAL B 305 10.36 24.33 -6.45
CA VAL B 305 10.47 22.93 -6.03
C VAL B 305 9.07 22.31 -5.86
N LYS B 306 8.67 21.54 -6.88
CA LYS B 306 7.30 20.98 -7.05
C LYS B 306 7.34 19.44 -6.97
N ASN B 307 8.36 18.86 -7.62
CA ASN B 307 8.49 17.43 -7.79
C ASN B 307 9.27 16.74 -6.68
N ILE B 308 8.64 16.63 -5.52
CA ILE B 308 9.32 16.07 -4.36
C ILE B 308 9.12 14.56 -4.26
N CYS B 309 10.22 13.84 -4.40
CA CYS B 309 10.26 12.44 -4.10
C CYS B 309 10.62 12.11 -2.62
N ILE B 310 9.67 11.50 -1.91
CA ILE B 310 9.86 11.06 -0.52
C ILE B 310 10.18 9.56 -0.43
N VAL B 311 11.31 9.23 0.22
CA VAL B 311 11.69 7.83 0.49
C VAL B 311 10.93 7.23 1.70
N LEU B 312 9.98 6.33 1.39
CA LEU B 312 9.35 5.44 2.38
C LEU B 312 10.27 4.24 2.53
N SER B 313 11.01 4.25 3.63
CA SER B 313 12.22 3.46 3.79
C SER B 313 11.98 2.06 4.29
N GLY B 314 10.86 1.84 4.98
CA GLY B 314 10.57 0.55 5.56
C GLY B 314 9.11 0.31 5.88
N GLY B 315 8.76 -0.95 6.06
CA GLY B 315 7.43 -1.36 6.49
C GLY B 315 7.47 -2.48 7.52
N ASN B 316 8.52 -2.45 8.33
CA ASN B 316 8.73 -3.45 9.34
C ASN B 316 8.08 -2.95 10.62
N VAL B 317 6.75 -2.95 10.64
CA VAL B 317 6.00 -2.41 11.76
C VAL B 317 5.09 -3.47 12.38
N ASP B 318 5.07 -3.48 13.72
CA ASP B 318 4.31 -4.41 14.55
C ASP B 318 2.83 -4.11 14.40
N LEU B 319 2.02 -5.03 14.02
CA LEU B 319 0.67 -4.85 13.54
C LEU B 319 -0.19 -4.57 14.79
N THR B 320 0.50 -4.18 15.84
CA THR B 320 -0.09 -3.70 17.09
C THR B 320 0.81 -2.63 17.75
N SER B 321 0.68 -1.42 17.25
CA SER B 321 1.42 -0.31 17.77
C SER B 321 0.54 0.26 18.84
N LEU B 322 0.97 1.39 19.40
CA LEU B 322 0.24 2.08 20.43
C LEU B 322 -1.06 2.56 19.82
N SER B 323 -1.23 2.22 18.55
CA SER B 323 -2.46 2.44 17.75
C SER B 323 -2.85 3.90 17.98
N TRP B 324 -1.85 4.70 18.32
CA TRP B 324 -2.00 6.07 18.78
C TRP B 324 -2.58 7.04 17.74
#